data_3I48
#
_entry.id   3I48
#
_cell.length_a   62.900
_cell.length_b   68.577
_cell.length_c   126.559
_cell.angle_alpha   90.000
_cell.angle_beta   90.000
_cell.angle_gamma   90.000
#
_symmetry.space_group_name_H-M   'P 21 21 21'
#
loop_
_entity.id
_entity.type
_entity.pdbx_description
1 polymer Beta-hemolysin
2 non-polymer 'MAGNESIUM ION'
3 non-polymer 'PHOSPHATE ION'
4 water water
#
_entity_poly.entity_id   1
_entity_poly.type   'polypeptide(L)'
_entity_poly.pdbx_seq_one_letter_code
;MRSSHHHHHHSSGLVPRGSHMESKKDDTDLKLVSHNVYMLSTVLYPNWGQYKRADLIGQSSYIKNNDVVIFNEAFDNGAS
DKLLSNVKKEYPYQTPVLGRSQSGWDKTEGSYSSTVAEDGGVAIVSKYPIKEKIQHVFKSGCGFDNDSNKGFVYTKIEKN
GKNVHVIGTHTQSEDSRCGAGHDRKIRAEQMKEISDFVKKKNIPKDETVYIGGDLNVNKGTPEFKDMLKNLNVNDVLYAG
HNSTWDPQSNSIAKYNYPNGKPEHLDYIFTDKDHKQPKQLVNEVVTEKPKPWDVYAAAYYYVYNDFSDHYPIKAYSK
;
_entity_poly.pdbx_strand_id   A,B
#
loop_
_chem_comp.id
_chem_comp.type
_chem_comp.name
_chem_comp.formula
MG non-polymer 'MAGNESIUM ION' 'Mg 2'
PO4 non-polymer 'PHOSPHATE ION' 'O4 P -3'
#
# COMPACT_ATOMS: atom_id res chain seq x y z
N ASP A 27 11.61 -22.90 2.44
CA ASP A 27 12.65 -23.94 2.17
C ASP A 27 13.99 -23.40 2.64
N THR A 28 14.42 -22.34 1.98
CA THR A 28 15.34 -21.39 2.55
C THR A 28 14.60 -20.07 2.65
N ASP A 29 13.33 -19.98 2.22
CA ASP A 29 12.69 -18.67 2.35
C ASP A 29 12.44 -18.26 3.82
N LEU A 30 12.52 -16.98 4.05
CA LEU A 30 12.67 -16.47 5.40
C LEU A 30 11.48 -15.63 5.78
N LYS A 31 11.21 -15.53 7.07
CA LYS A 31 10.36 -14.45 7.55
C LYS A 31 11.29 -13.44 8.13
N LEU A 32 11.18 -12.18 7.72
CA LEU A 32 12.08 -11.16 8.29
C LEU A 32 11.30 -9.99 8.83
N VAL A 33 11.94 -9.25 9.72
CA VAL A 33 11.44 -7.90 10.07
C VAL A 33 12.60 -6.96 9.83
N SER A 34 12.28 -5.75 9.40
CA SER A 34 13.27 -4.67 9.44
C SER A 34 12.63 -3.56 10.20
N HIS A 35 13.41 -2.96 11.09
CA HIS A 35 12.87 -1.81 11.81
C HIS A 35 13.93 -0.80 12.13
N ASN A 36 13.67 0.45 11.70
CA ASN A 36 14.42 1.61 12.18
C ASN A 36 13.87 1.91 13.58
N VAL A 37 14.70 1.68 14.59
CA VAL A 37 14.26 1.74 15.98
C VAL A 37 14.50 3.07 16.69
N TYR A 38 15.07 4.05 15.99
CA TYR A 38 15.20 5.40 16.55
C TYR A 38 15.92 5.34 17.91
N MET A 39 17.05 4.65 17.97
CA MET A 39 17.85 4.59 19.21
C MET A 39 18.92 5.64 19.14
N LEU A 40 18.48 6.90 19.17
CA LEU A 40 19.40 8.02 19.12
C LEU A 40 20.34 8.03 20.31
N SER A 41 21.49 8.67 20.13
CA SER A 41 22.42 8.90 21.25
C SER A 41 21.71 9.42 22.50
N THR A 42 21.90 8.74 23.62
CA THR A 42 21.31 9.19 24.89
C THR A 42 22.10 10.35 25.49
N VAL A 43 23.26 10.65 24.90
CA VAL A 43 24.04 11.82 25.29
C VAL A 43 23.48 13.06 24.60
N LEU A 44 23.34 13.00 23.27
CA LEU A 44 22.74 14.09 22.49
C LEU A 44 21.22 14.22 22.71
N TYR A 45 20.52 13.09 22.87
CA TYR A 45 19.06 13.10 23.00
C TYR A 45 18.62 12.32 24.22
N PRO A 46 18.87 12.88 25.41
CA PRO A 46 18.76 12.11 26.66
C PRO A 46 17.36 11.59 26.96
N ASN A 47 16.34 12.18 26.34
CA ASN A 47 14.98 11.93 26.80
C ASN A 47 14.06 11.37 25.72
N TRP A 48 14.54 10.38 24.99
CA TRP A 48 13.71 9.81 23.95
C TRP A 48 13.24 8.40 24.26
N GLY A 49 13.29 8.05 25.54
CA GLY A 49 12.86 6.75 26.02
C GLY A 49 13.64 5.58 25.43
N GLN A 50 14.91 5.83 25.05
CA GLN A 50 15.68 4.79 24.34
C GLN A 50 15.68 3.48 25.12
N TYR A 51 16.06 3.51 26.40
CA TYR A 51 16.04 2.31 27.19
C TYR A 51 14.66 1.73 27.39
N LYS A 52 13.66 2.58 27.64
CA LYS A 52 12.29 2.07 27.80
C LYS A 52 11.86 1.33 26.52
N ARG A 53 12.17 1.93 25.39
CA ARG A 53 11.77 1.34 24.09
C ARG A 53 12.55 0.09 23.73
N ALA A 54 13.80 0.01 24.15
CA ALA A 54 14.56 -1.24 23.94
C ALA A 54 13.82 -2.38 24.62
N ASP A 55 13.35 -2.16 25.84
CA ASP A 55 12.55 -3.18 26.50
C ASP A 55 11.21 -3.44 25.82
N LEU A 56 10.50 -2.38 25.44
CA LEU A 56 9.18 -2.57 24.84
C LEU A 56 9.27 -3.28 23.51
N ILE A 57 10.29 -2.92 22.73
CA ILE A 57 10.53 -3.63 21.46
C ILE A 57 10.77 -5.11 21.73
N GLY A 58 11.59 -5.43 22.74
CA GLY A 58 11.85 -6.84 23.07
C GLY A 58 10.60 -7.59 23.48
N GLN A 59 9.62 -6.87 24.00
CA GLN A 59 8.38 -7.51 24.50
C GLN A 59 7.26 -7.53 23.45
N SER A 60 7.55 -6.96 22.29
CA SER A 60 6.53 -6.77 21.27
C SER A 60 6.22 -8.11 20.63
N SER A 61 5.12 -8.19 19.90
CA SER A 61 4.85 -9.36 19.08
C SER A 61 5.56 -9.30 17.72
N TYR A 62 5.66 -8.11 17.09
CA TYR A 62 6.19 -8.10 15.71
C TYR A 62 7.64 -8.56 15.66
N ILE A 63 8.39 -8.36 16.73
CA ILE A 63 9.84 -8.68 16.75
C ILE A 63 10.00 -10.19 16.89
N LYS A 64 8.94 -10.85 17.33
CA LYS A 64 9.03 -12.30 17.61
C LYS A 64 8.62 -13.16 16.40
N ASN A 65 9.08 -14.41 16.41
CA ASN A 65 8.57 -15.42 15.48
C ASN A 65 9.02 -15.18 14.04
N ASN A 66 10.12 -14.45 13.87
CA ASN A 66 10.74 -14.32 12.54
C ASN A 66 11.99 -15.16 12.50
N ASP A 67 12.61 -15.25 11.32
CA ASP A 67 13.94 -15.87 11.19
C ASP A 67 15.06 -14.87 11.39
N VAL A 68 14.88 -13.64 10.89
CA VAL A 68 15.95 -12.67 10.81
C VAL A 68 15.33 -11.32 11.04
N VAL A 69 16.04 -10.47 11.81
CA VAL A 69 15.60 -9.09 12.04
C VAL A 69 16.74 -8.15 11.69
N ILE A 70 16.42 -7.12 10.91
CA ILE A 70 17.35 -6.04 10.54
C ILE A 70 16.98 -4.87 11.37
N PHE A 71 17.98 -4.28 12.05
CA PHE A 71 17.76 -3.05 12.79
C PHE A 71 18.47 -1.91 12.10
N ASN A 72 17.88 -0.73 12.21
CA ASN A 72 18.52 0.51 11.77
C ASN A 72 18.38 1.50 12.91
N GLU A 73 19.26 2.51 12.88
CA GLU A 73 19.31 3.53 13.94
C GLU A 73 19.50 2.94 15.35
N ALA A 74 20.25 1.86 15.44
CA ALA A 74 20.73 1.33 16.70
C ALA A 74 22.02 2.07 17.04
N PHE A 75 21.90 3.37 17.36
CA PHE A 75 23.06 4.29 17.52
C PHE A 75 23.64 4.30 18.92
N ASP A 76 22.77 4.54 19.91
CA ASP A 76 23.21 4.56 21.29
C ASP A 76 23.75 3.21 21.67
N ASN A 77 25.02 3.13 22.09
CA ASN A 77 25.61 1.82 22.32
C ASN A 77 24.87 1.07 23.43
N GLY A 78 24.59 1.75 24.54
CA GLY A 78 24.00 1.07 25.70
C GLY A 78 22.60 0.61 25.41
N ALA A 79 21.81 1.49 24.80
CA ALA A 79 20.40 1.19 24.51
C ALA A 79 20.29 0.11 23.44
N SER A 80 21.18 0.19 22.45
CA SER A 80 21.20 -0.76 21.34
C SER A 80 21.61 -2.14 21.79
N ASP A 81 22.63 -2.20 22.66
CA ASP A 81 23.07 -3.46 23.21
C ASP A 81 22.02 -4.05 24.11
N LYS A 82 21.23 -3.20 24.79
CA LYS A 82 20.12 -3.71 25.61
C LYS A 82 19.05 -4.34 24.69
N LEU A 83 18.71 -3.63 23.63
CA LEU A 83 17.80 -4.16 22.62
C LEU A 83 18.29 -5.49 22.10
N LEU A 84 19.55 -5.56 21.70
CA LEU A 84 20.08 -6.77 21.11
C LEU A 84 20.02 -7.90 22.14
N SER A 85 20.31 -7.54 23.38
CA SER A 85 20.28 -8.52 24.46
C SER A 85 18.84 -8.99 24.68
N ASN A 86 17.90 -8.08 24.57
CA ASN A 86 16.48 -8.40 24.77
C ASN A 86 15.93 -9.40 23.76
N VAL A 87 16.58 -9.54 22.60
CA VAL A 87 16.12 -10.47 21.54
C VAL A 87 17.09 -11.63 21.29
N LYS A 88 18.12 -11.75 22.14
CA LYS A 88 19.17 -12.76 21.96
C LYS A 88 18.70 -14.20 22.18
N LYS A 89 17.74 -14.41 23.08
CA LYS A 89 17.21 -15.75 23.30
C LYS A 89 16.55 -16.27 22.02
N GLU A 90 15.75 -15.44 21.37
CA GLU A 90 15.09 -15.87 20.16
C GLU A 90 16.01 -15.81 18.95
N TYR A 91 16.87 -14.80 18.92
CA TYR A 91 17.82 -14.62 17.83
C TYR A 91 19.26 -14.63 18.36
N PRO A 92 19.80 -15.84 18.63
CA PRO A 92 21.12 -15.93 19.27
C PRO A 92 22.31 -15.55 18.43
N TYR A 93 22.14 -15.46 17.09
CA TYR A 93 23.24 -15.20 16.20
C TYR A 93 23.10 -13.77 15.78
N GLN A 94 24.07 -12.94 16.19
CA GLN A 94 23.90 -11.49 16.01
C GLN A 94 25.18 -10.92 15.43
N THR A 95 25.05 -9.91 14.59
CA THR A 95 26.19 -9.17 14.12
C THR A 95 26.53 -8.11 15.17
N PRO A 96 27.79 -7.59 15.15
CA PRO A 96 28.00 -6.32 15.84
C PRO A 96 27.17 -5.23 15.15
N VAL A 97 27.12 -4.05 15.75
CA VAL A 97 26.50 -2.91 15.07
C VAL A 97 27.51 -2.28 14.11
N LEU A 98 27.07 -2.11 12.87
CA LEU A 98 27.84 -1.44 11.83
C LEU A 98 28.66 -0.28 12.36
N GLY A 99 29.97 -0.37 12.17
CA GLY A 99 30.83 0.81 12.28
C GLY A 99 31.31 1.05 13.69
N ARG A 100 30.92 0.17 14.61
CA ARG A 100 31.40 0.32 15.98
C ARG A 100 32.89 -0.03 16.12
N SER A 101 33.30 -1.14 15.51
CA SER A 101 34.71 -1.55 15.54
C SER A 101 34.93 -2.62 14.48
N GLN A 102 36.18 -3.05 14.32
CA GLN A 102 36.47 -4.07 13.32
C GLN A 102 36.34 -5.45 13.94
N SER A 103 36.16 -5.51 15.26
CA SER A 103 36.05 -6.80 15.94
C SER A 103 34.72 -7.48 15.64
N GLY A 104 34.77 -8.79 15.52
CA GLY A 104 33.58 -9.60 15.33
C GLY A 104 33.07 -9.72 13.91
N TRP A 105 33.80 -9.14 12.95
CA TRP A 105 33.41 -9.18 11.55
C TRP A 105 34.36 -10.08 10.78
N ASP A 106 33.84 -10.77 9.76
CA ASP A 106 34.72 -11.49 8.85
C ASP A 106 35.48 -10.53 7.93
N LYS A 107 34.90 -9.35 7.64
CA LYS A 107 35.58 -8.36 6.82
C LYS A 107 34.95 -7.02 7.09
N THR A 108 35.77 -5.99 7.08
CA THR A 108 35.32 -4.62 7.16
C THR A 108 35.70 -3.96 5.85
N GLU A 109 34.76 -3.33 5.18
CA GLU A 109 35.13 -2.59 3.99
C GLU A 109 34.42 -1.23 3.94
N GLY A 110 34.63 -0.49 2.86
CA GLY A 110 34.03 0.84 2.69
C GLY A 110 34.83 1.86 3.46
N SER A 111 34.22 3.02 3.74
CA SER A 111 34.98 4.10 4.40
C SER A 111 34.95 4.00 5.94
N TYR A 112 35.30 2.84 6.46
CA TYR A 112 35.27 2.64 7.91
C TYR A 112 36.22 3.61 8.63
N SER A 113 35.69 4.27 9.67
CA SER A 113 36.42 5.26 10.42
C SER A 113 36.46 4.92 11.90
N SER A 114 37.65 4.99 12.49
CA SER A 114 37.82 4.91 13.94
C SER A 114 37.33 6.22 14.58
N THR A 115 37.45 7.29 13.80
CA THR A 115 37.37 8.64 14.34
C THR A 115 35.98 9.27 14.32
N VAL A 116 34.96 8.50 13.90
CA VAL A 116 33.57 8.98 13.94
C VAL A 116 32.91 8.65 15.30
N ALA A 117 32.18 9.62 15.85
CA ALA A 117 31.62 9.51 17.21
C ALA A 117 30.36 8.62 17.26
N GLU A 118 29.91 8.21 16.07
CA GLU A 118 28.61 7.58 15.90
C GLU A 118 28.75 6.35 15.03
N ASP A 119 28.25 5.19 15.47
CA ASP A 119 28.31 4.08 14.55
C ASP A 119 27.20 4.16 13.49
N GLY A 120 27.11 3.16 12.64
CA GLY A 120 26.25 3.23 11.45
C GLY A 120 24.85 2.75 11.77
N GLY A 121 24.72 2.13 12.94
CA GLY A 121 23.43 1.81 13.53
C GLY A 121 22.71 0.62 12.92
N VAL A 122 23.38 -0.15 12.06
CA VAL A 122 22.74 -1.30 11.41
C VAL A 122 23.24 -2.58 12.05
N ALA A 123 22.31 -3.48 12.38
CA ALA A 123 22.69 -4.77 12.94
C ALA A 123 21.71 -5.83 12.41
N ILE A 124 22.17 -7.08 12.34
CA ILE A 124 21.28 -8.17 11.94
C ILE A 124 21.31 -9.26 13.03
N VAL A 125 20.13 -9.76 13.41
CA VAL A 125 20.07 -10.91 14.34
C VAL A 125 19.30 -12.01 13.64
N SER A 126 19.60 -13.26 14.00
CA SER A 126 19.10 -14.40 13.28
C SER A 126 18.85 -15.53 14.24
N LYS A 127 17.81 -16.28 13.95
CA LYS A 127 17.49 -17.48 14.65
C LYS A 127 18.39 -18.62 14.17
N TYR A 128 18.95 -18.45 12.97
CA TYR A 128 19.81 -19.47 12.35
C TYR A 128 21.25 -18.97 12.30
N PRO A 129 22.22 -19.91 12.38
CA PRO A 129 23.63 -19.54 12.41
C PRO A 129 24.04 -18.61 11.31
N ILE A 130 24.77 -17.58 11.68
CA ILE A 130 25.36 -16.68 10.68
C ILE A 130 26.73 -17.21 10.35
N LYS A 131 26.94 -17.53 9.07
CA LYS A 131 28.18 -18.17 8.64
C LYS A 131 29.23 -17.17 8.21
N GLU A 132 28.79 -15.96 7.90
CA GLU A 132 29.69 -14.95 7.36
C GLU A 132 29.02 -13.65 7.67
N LYS A 133 29.82 -12.68 8.12
CA LYS A 133 29.27 -11.35 8.34
C LYS A 133 30.29 -10.29 7.91
N ILE A 134 29.83 -9.36 7.09
CA ILE A 134 30.68 -8.31 6.55
C ILE A 134 30.01 -6.99 6.77
N GLN A 135 30.81 -5.97 7.17
CA GLN A 135 30.26 -4.64 7.28
C GLN A 135 30.90 -3.75 6.22
N HIS A 136 30.08 -2.88 5.64
CA HIS A 136 30.54 -1.97 4.61
C HIS A 136 30.00 -0.61 4.95
N VAL A 137 30.91 0.28 5.36
CA VAL A 137 30.56 1.68 5.57
C VAL A 137 30.55 2.39 4.21
N PHE A 138 29.45 3.08 3.89
CA PHE A 138 29.25 3.72 2.59
C PHE A 138 30.35 4.73 2.33
N LYS A 139 30.87 4.72 1.09
CA LYS A 139 31.92 5.64 0.67
C LYS A 139 31.25 6.96 0.25
N SER A 140 30.00 6.87 -0.23
CA SER A 140 29.21 8.03 -0.67
C SER A 140 28.41 8.60 0.47
N GLY A 141 28.29 9.93 0.52
CA GLY A 141 27.56 10.55 1.62
C GLY A 141 27.62 12.06 1.61
N CYS A 142 27.24 12.66 2.74
CA CYS A 142 27.15 14.11 2.88
C CYS A 142 28.12 14.58 3.95
N GLY A 143 28.89 15.63 3.63
CA GLY A 143 30.02 16.07 4.45
C GLY A 143 29.73 16.80 5.76
N PHE A 144 28.51 17.28 5.91
CA PHE A 144 28.15 18.06 7.08
C PHE A 144 27.10 17.31 7.90
N ASP A 145 27.09 15.99 7.68
CA ASP A 145 26.72 14.96 8.68
C ASP A 145 27.39 13.61 8.31
N ASN A 146 28.70 13.66 8.01
CA ASN A 146 29.49 12.46 7.67
C ASN A 146 30.14 11.75 8.86
N ASP A 147 29.69 12.12 10.05
CA ASP A 147 30.24 11.61 11.30
C ASP A 147 29.61 10.27 11.68
N SER A 148 28.97 9.62 10.69
CA SER A 148 28.37 8.31 10.87
C SER A 148 28.96 7.26 9.94
N ASN A 149 29.20 6.07 10.49
CA ASN A 149 29.61 4.93 9.70
C ASN A 149 28.42 4.23 9.01
N LYS A 150 27.46 5.00 8.48
CA LYS A 150 26.29 4.44 7.74
C LYS A 150 26.69 3.60 6.53
N GLY A 151 25.86 2.61 6.18
CA GLY A 151 26.33 1.57 5.28
C GLY A 151 25.42 0.36 5.30
N PHE A 152 26.00 -0.80 5.04
CA PHE A 152 25.22 -2.03 5.06
C PHE A 152 25.96 -3.16 5.76
N VAL A 153 25.17 -4.16 6.16
CA VAL A 153 25.69 -5.32 6.85
C VAL A 153 25.22 -6.49 6.03
N TYR A 154 26.17 -7.39 5.69
CA TYR A 154 25.87 -8.56 4.91
C TYR A 154 25.99 -9.78 5.80
N THR A 155 25.05 -10.72 5.67
CA THR A 155 25.13 -11.97 6.43
C THR A 155 24.77 -13.11 5.48
N LYS A 156 25.47 -14.21 5.66
CA LYS A 156 25.06 -15.46 5.00
C LYS A 156 24.63 -16.34 6.13
N ILE A 157 23.46 -16.95 5.96
CA ILE A 157 22.80 -17.62 7.06
C ILE A 157 22.51 -19.02 6.56
N GLU A 158 22.62 -20.01 7.45
CA GLU A 158 22.36 -21.38 7.05
C GLU A 158 21.05 -21.86 7.67
N LYS A 159 20.11 -22.21 6.79
CA LYS A 159 18.82 -22.74 7.23
C LYS A 159 18.60 -24.06 6.51
N ASN A 160 18.34 -25.13 7.24
CA ASN A 160 18.11 -26.44 6.60
C ASN A 160 19.29 -26.90 5.75
N GLY A 161 20.50 -26.62 6.22
CA GLY A 161 21.72 -26.99 5.47
C GLY A 161 22.04 -26.17 4.21
N LYS A 162 21.14 -25.26 3.87
CA LYS A 162 21.29 -24.39 2.70
C LYS A 162 21.53 -22.96 3.12
N ASN A 163 21.97 -22.16 2.18
CA ASN A 163 22.38 -20.78 2.44
C ASN A 163 21.39 -19.79 1.90
N VAL A 164 21.30 -18.68 2.60
CA VAL A 164 20.46 -17.55 2.21
C VAL A 164 21.25 -16.34 2.72
N HIS A 165 21.02 -15.19 2.10
CA HIS A 165 21.86 -14.03 2.32
C HIS A 165 20.93 -12.90 2.68
N VAL A 166 21.33 -12.11 3.67
CA VAL A 166 20.53 -10.94 4.05
C VAL A 166 21.46 -9.79 4.17
N ILE A 167 21.11 -8.73 3.45
CA ILE A 167 21.83 -7.47 3.56
C ILE A 167 20.86 -6.47 4.21
N GLY A 168 21.31 -5.86 5.32
CA GLY A 168 20.51 -4.81 5.99
C GLY A 168 21.21 -3.48 5.78
N THR A 169 20.42 -2.41 5.61
CA THR A 169 21.05 -1.12 5.28
C THR A 169 20.18 0.01 5.79
N HIS A 170 20.77 1.19 5.75
CA HIS A 170 20.06 2.41 6.08
C HIS A 170 20.79 3.48 5.26
N THR A 171 20.06 4.06 4.32
CA THR A 171 20.66 4.98 3.34
C THR A 171 20.40 6.43 3.71
N GLN A 172 21.02 7.33 2.95
CA GLN A 172 20.92 8.76 3.18
C GLN A 172 19.48 9.27 3.41
N SER A 173 19.26 9.92 4.55
CA SER A 173 17.97 10.54 4.90
C SER A 173 17.64 11.72 3.95
N GLU A 174 16.38 12.12 3.89
CA GLU A 174 16.01 13.33 3.18
C GLU A 174 16.39 14.56 4.03
N ASP A 175 17.69 14.88 4.04
CA ASP A 175 18.26 15.95 4.88
C ASP A 175 18.13 17.30 4.19
N SER A 176 17.63 18.29 4.94
CA SER A 176 17.30 19.61 4.40
C SER A 176 18.54 20.45 4.19
N ARG A 177 19.67 19.97 4.70
CA ARG A 177 20.91 20.69 4.58
C ARG A 177 21.69 20.22 3.37
N CYS A 178 21.77 18.91 3.15
CA CYS A 178 22.49 18.39 1.99
C CYS A 178 21.75 18.76 0.71
N GLY A 179 20.43 18.78 0.76
CA GLY A 179 19.64 19.13 -0.41
C GLY A 179 18.97 17.92 -1.03
N ALA A 180 17.71 18.11 -1.44
CA ALA A 180 16.88 17.00 -1.95
C ALA A 180 17.56 16.31 -3.14
N GLY A 181 18.03 17.11 -4.11
CA GLY A 181 18.72 16.55 -5.28
C GLY A 181 19.95 15.76 -4.90
N HIS A 182 20.72 16.30 -3.95
CA HIS A 182 21.94 15.63 -3.51
C HIS A 182 21.61 14.37 -2.71
N ASP A 183 20.55 14.43 -1.91
CA ASP A 183 20.18 13.27 -1.08
C ASP A 183 19.88 12.09 -1.99
N ARG A 184 19.16 12.39 -3.07
CA ARG A 184 18.78 11.41 -4.06
C ARG A 184 20.01 10.86 -4.75
N LYS A 185 20.96 11.70 -5.14
CA LYS A 185 22.18 11.20 -5.74
C LYS A 185 23.01 10.33 -4.79
N ILE A 186 23.05 10.75 -3.52
CA ILE A 186 23.75 9.98 -2.50
C ILE A 186 23.12 8.61 -2.37
N ARG A 187 21.81 8.57 -2.22
CA ARG A 187 21.10 7.26 -2.16
C ARG A 187 21.41 6.42 -3.37
N ALA A 188 21.32 7.01 -4.56
CA ALA A 188 21.68 6.24 -5.76
C ALA A 188 23.04 5.57 -5.65
N GLU A 189 24.08 6.35 -5.28
CA GLU A 189 25.43 5.78 -5.20
C GLU A 189 25.56 4.74 -4.09
N GLN A 190 24.85 4.99 -2.99
CA GLN A 190 24.91 4.03 -1.87
C GLN A 190 24.26 2.73 -2.26
N MET A 191 23.16 2.82 -2.99
CA MET A 191 22.52 1.60 -3.46
C MET A 191 23.38 0.86 -4.47
N LYS A 192 24.13 1.60 -5.28
CA LYS A 192 25.06 0.98 -6.21
C LYS A 192 26.21 0.31 -5.46
N GLU A 193 26.61 0.84 -4.30
CA GLU A 193 27.61 0.17 -3.47
C GLU A 193 27.12 -1.22 -3.05
N ILE A 194 25.83 -1.30 -2.76
CA ILE A 194 25.21 -2.57 -2.34
C ILE A 194 25.18 -3.50 -3.52
N SER A 195 24.63 -3.04 -4.63
CA SER A 195 24.48 -3.92 -5.77
C SER A 195 25.83 -4.33 -6.36
N ASP A 196 26.82 -3.44 -6.31
CA ASP A 196 28.20 -3.81 -6.70
C ASP A 196 28.78 -4.90 -5.80
N PHE A 197 28.59 -4.71 -4.50
CA PHE A 197 28.97 -5.72 -3.52
C PHE A 197 28.37 -7.10 -3.84
N VAL A 198 27.08 -7.12 -4.12
CA VAL A 198 26.36 -8.37 -4.41
C VAL A 198 26.95 -9.07 -5.64
N LYS A 199 27.19 -8.29 -6.70
CA LYS A 199 27.75 -8.81 -7.94
C LYS A 199 29.18 -9.30 -7.71
N LYS A 200 29.98 -8.52 -7.01
CA LYS A 200 31.37 -8.96 -6.81
C LYS A 200 31.48 -10.15 -5.86
N LYS A 201 30.46 -10.36 -5.03
CA LYS A 201 30.44 -11.51 -4.14
C LYS A 201 30.22 -12.86 -4.86
N ASN A 202 29.69 -12.80 -6.08
CA ASN A 202 29.44 -13.97 -6.89
C ASN A 202 28.64 -15.05 -6.13
N ILE A 203 27.52 -14.62 -5.58
CA ILE A 203 26.65 -15.50 -4.84
C ILE A 203 25.88 -16.31 -5.85
N PRO A 204 25.84 -17.64 -5.66
CA PRO A 204 25.21 -18.42 -6.71
C PRO A 204 23.75 -18.02 -6.86
N LYS A 205 23.24 -18.04 -8.10
CA LYS A 205 21.90 -17.50 -8.37
C LYS A 205 20.80 -18.39 -7.81
N ASP A 206 21.15 -19.57 -7.32
CA ASP A 206 20.16 -20.43 -6.72
C ASP A 206 20.01 -20.18 -5.23
N GLU A 207 20.57 -19.06 -4.72
CA GLU A 207 20.38 -18.72 -3.30
C GLU A 207 19.82 -17.33 -3.31
N THR A 208 18.83 -17.09 -2.45
CA THR A 208 18.18 -15.79 -2.37
C THR A 208 19.04 -14.75 -1.64
N VAL A 209 19.02 -13.51 -2.14
CA VAL A 209 19.71 -12.42 -1.46
C VAL A 209 18.68 -11.36 -1.09
N TYR A 210 18.37 -11.26 0.19
CA TYR A 210 17.44 -10.20 0.64
C TYR A 210 18.25 -8.94 0.84
N ILE A 211 17.64 -7.81 0.51
CA ILE A 211 18.25 -6.50 0.76
C ILE A 211 17.13 -5.68 1.39
N GLY A 212 17.32 -5.31 2.64
CA GLY A 212 16.26 -4.55 3.31
C GLY A 212 16.73 -3.50 4.29
N GLY A 213 15.79 -2.61 4.62
CA GLY A 213 16.06 -1.61 5.64
C GLY A 213 15.37 -0.34 5.27
N ASP A 214 15.78 0.73 5.94
CA ASP A 214 15.22 2.07 5.70
C ASP A 214 15.99 2.66 4.51
N LEU A 215 15.34 2.63 3.36
CA LEU A 215 15.97 2.92 2.07
C LEU A 215 15.71 4.37 1.69
N ASN A 216 14.80 5.00 2.43
CA ASN A 216 14.60 6.46 2.32
C ASN A 216 14.22 6.90 0.91
N VAL A 217 13.50 6.02 0.22
CA VAL A 217 12.89 6.34 -1.07
C VAL A 217 11.40 6.10 -0.95
N ASN A 218 10.62 7.14 -1.22
CA ASN A 218 9.19 7.04 -1.08
C ASN A 218 8.53 6.27 -2.22
N LYS A 219 7.65 5.36 -1.84
CA LYS A 219 6.86 4.58 -2.80
C LYS A 219 6.09 5.51 -3.72
N GLY A 220 5.95 5.10 -4.98
CA GLY A 220 5.12 5.79 -5.95
C GLY A 220 5.77 7.04 -6.51
N THR A 221 7.09 7.13 -6.43
CA THR A 221 7.82 8.30 -6.93
C THR A 221 8.73 7.90 -8.07
N PRO A 222 9.16 8.88 -8.89
CA PRO A 222 10.21 8.63 -9.88
C PRO A 222 11.45 8.00 -9.25
N GLU A 223 11.81 8.38 -8.02
CA GLU A 223 13.02 7.81 -7.42
C GLU A 223 12.85 6.33 -7.11
N PHE A 224 11.62 5.92 -6.85
CA PHE A 224 11.34 4.53 -6.51
C PHE A 224 11.79 3.58 -7.65
N LYS A 225 11.49 3.97 -8.90
CA LYS A 225 11.94 3.19 -10.05
C LYS A 225 13.45 3.12 -10.13
N ASP A 226 14.13 4.23 -9.86
CA ASP A 226 15.58 4.22 -9.75
C ASP A 226 16.11 3.26 -8.70
N MET A 227 15.48 3.24 -7.52
CA MET A 227 15.90 2.34 -6.44
C MET A 227 15.84 0.89 -6.94
N LEU A 228 14.78 0.52 -7.61
CA LEU A 228 14.65 -0.90 -8.06
C LEU A 228 15.81 -1.22 -8.99
N LYS A 229 16.16 -0.29 -9.88
CA LYS A 229 17.30 -0.53 -10.79
C LYS A 229 18.66 -0.50 -10.09
N ASN A 230 18.88 0.49 -9.25
CA ASN A 230 20.16 0.65 -8.56
C ASN A 230 20.47 -0.48 -7.56
N LEU A 231 19.43 -1.00 -6.91
CA LEU A 231 19.57 -2.13 -5.98
C LEU A 231 19.48 -3.47 -6.67
N ASN A 232 18.99 -3.46 -7.92
CA ASN A 232 18.83 -4.67 -8.78
C ASN A 232 17.81 -5.62 -8.16
N VAL A 233 16.67 -5.04 -7.81
CA VAL A 233 15.59 -5.78 -7.13
C VAL A 233 14.28 -5.74 -7.87
N ASN A 234 13.46 -6.79 -7.67
CA ASN A 234 12.07 -6.75 -8.09
C ASN A 234 11.21 -6.02 -7.05
N ASP A 235 10.11 -5.40 -7.46
CA ASP A 235 9.16 -4.88 -6.47
C ASP A 235 8.42 -6.06 -5.85
N VAL A 236 7.65 -5.77 -4.83
CA VAL A 236 7.01 -6.78 -3.96
C VAL A 236 5.51 -6.49 -3.86
N LEU A 237 4.76 -7.38 -3.23
CA LEU A 237 3.37 -7.13 -2.90
C LEU A 237 3.37 -6.50 -1.52
N TYR A 238 2.43 -5.58 -1.27
CA TYR A 238 2.38 -4.84 -0.01
C TYR A 238 1.14 -5.16 0.80
N ALA A 239 1.29 -5.10 2.12
CA ALA A 239 0.18 -5.36 3.00
C ALA A 239 0.25 -4.39 4.18
N GLY A 240 -0.86 -4.28 4.90
CA GLY A 240 -0.91 -3.48 6.10
C GLY A 240 -0.98 -2.00 5.77
N HIS A 241 -0.39 -1.22 6.66
CA HIS A 241 -0.41 0.23 6.58
C HIS A 241 0.29 0.75 5.35
N ASN A 242 -0.12 1.93 4.88
CA ASN A 242 0.39 2.49 3.62
C ASN A 242 1.49 3.50 3.80
N SER A 243 2.05 3.55 4.99
CA SER A 243 3.25 4.37 5.18
C SER A 243 4.10 3.76 6.28
N THR A 244 5.41 4.02 6.25
CA THR A 244 6.25 3.50 7.33
C THR A 244 6.76 4.61 8.23
N TRP A 245 6.65 5.86 7.78
CA TRP A 245 6.96 6.99 8.60
C TRP A 245 5.78 7.92 8.45
N ASP A 246 5.01 8.04 9.53
CA ASP A 246 3.64 8.54 9.42
C ASP A 246 3.31 9.51 10.56
N PRO A 247 3.55 10.80 10.33
CA PRO A 247 3.22 11.83 11.31
C PRO A 247 1.73 11.91 11.64
N GLN A 248 0.88 11.27 10.85
CA GLN A 248 -0.55 11.25 11.13
C GLN A 248 -0.99 10.19 12.15
N SER A 249 -0.23 9.10 12.30
CA SER A 249 -0.71 8.04 13.20
C SER A 249 0.33 7.56 14.21
N ASN A 250 1.58 7.96 13.99
CA ASN A 250 2.66 7.60 14.86
C ASN A 250 3.02 8.74 15.81
N SER A 251 3.01 8.46 17.11
CA SER A 251 3.06 9.53 18.11
C SER A 251 4.42 10.22 18.14
N ILE A 252 5.48 9.48 17.82
CA ILE A 252 6.83 10.06 17.77
C ILE A 252 7.05 10.92 16.53
N ALA A 253 6.67 10.40 15.35
CA ALA A 253 6.76 11.14 14.10
C ALA A 253 5.89 12.40 14.17
N LYS A 254 4.71 12.27 14.78
CA LYS A 254 3.77 13.38 14.97
C LYS A 254 4.39 14.55 15.71
N TYR A 255 5.05 14.23 16.82
CA TYR A 255 5.76 15.21 17.63
C TYR A 255 6.87 15.92 16.87
N ASN A 256 7.71 15.17 16.17
CA ASN A 256 8.88 15.75 15.54
C ASN A 256 8.57 16.56 14.31
N TYR A 257 7.59 16.11 13.54
CA TYR A 257 7.23 16.71 12.27
C TYR A 257 5.71 16.70 12.16
N PRO A 258 5.03 17.62 12.89
CA PRO A 258 3.57 17.67 12.93
C PRO A 258 2.95 17.82 11.53
N ASN A 259 3.69 18.50 10.66
CA ASN A 259 3.26 18.85 9.32
C ASN A 259 3.53 17.75 8.30
N GLY A 260 4.31 16.74 8.70
CA GLY A 260 4.94 15.82 7.75
C GLY A 260 3.99 14.97 6.92
N LYS A 261 4.35 14.78 5.67
CA LYS A 261 3.65 13.87 4.79
C LYS A 261 4.10 12.45 5.17
N PRO A 262 3.14 11.55 5.39
CA PRO A 262 3.49 10.13 5.54
C PRO A 262 4.20 9.62 4.32
N GLU A 263 5.20 8.76 4.53
CA GLU A 263 5.92 8.22 3.41
C GLU A 263 6.18 6.76 3.75
N HIS A 264 6.50 6.01 2.72
CA HIS A 264 6.74 4.57 2.81
C HIS A 264 8.20 4.42 2.39
N LEU A 265 9.05 4.17 3.40
CA LEU A 265 10.49 4.32 3.25
C LEU A 265 11.27 3.05 3.56
N ASP A 266 10.61 2.10 4.20
CA ASP A 266 11.27 0.86 4.68
C ASP A 266 10.79 -0.30 3.84
N TYR A 267 11.72 -1.17 3.42
CA TYR A 267 11.39 -2.23 2.49
C TYR A 267 12.27 -3.42 2.76
N ILE A 268 11.80 -4.58 2.32
CA ILE A 268 12.70 -5.72 2.21
C ILE A 268 12.46 -6.30 0.83
N PHE A 269 13.52 -6.25 -0.01
CA PHE A 269 13.46 -6.72 -1.39
C PHE A 269 14.40 -7.94 -1.56
N THR A 270 14.42 -8.55 -2.74
CA THR A 270 15.47 -9.56 -3.05
C THR A 270 16.13 -9.21 -4.38
N ASP A 271 17.40 -9.57 -4.51
CA ASP A 271 18.08 -9.34 -5.78
C ASP A 271 17.37 -10.09 -6.90
N LYS A 272 17.16 -9.43 -8.03
CA LYS A 272 16.31 -9.96 -9.10
C LYS A 272 17.02 -10.99 -9.98
N ASP A 273 18.32 -11.18 -9.78
CA ASP A 273 19.06 -12.19 -10.53
C ASP A 273 19.37 -13.42 -9.69
N HIS A 274 18.80 -13.48 -8.49
CA HIS A 274 18.97 -14.67 -7.64
C HIS A 274 17.58 -15.23 -7.32
N LYS A 275 17.56 -16.47 -6.84
CA LYS A 275 16.33 -17.15 -6.43
C LYS A 275 15.34 -16.25 -5.70
N GLN A 276 14.09 -16.27 -6.13
CA GLN A 276 13.05 -15.45 -5.53
C GLN A 276 12.31 -16.28 -4.52
N PRO A 277 11.85 -15.62 -3.44
CA PRO A 277 10.87 -16.23 -2.54
C PRO A 277 9.66 -16.57 -3.38
N LYS A 278 8.81 -17.45 -2.85
CA LYS A 278 7.57 -17.81 -3.53
C LYS A 278 6.75 -16.61 -3.98
N GLN A 279 6.51 -15.68 -3.08
CA GLN A 279 5.72 -14.47 -3.42
C GLN A 279 5.93 -13.45 -2.29
N LEU A 280 6.97 -12.67 -2.42
CA LEU A 280 7.39 -11.86 -1.29
C LEU A 280 6.39 -10.75 -1.03
N VAL A 281 6.04 -10.60 0.23
CA VAL A 281 5.18 -9.52 0.70
C VAL A 281 5.97 -8.65 1.66
N ASN A 282 5.68 -7.35 1.66
CA ASN A 282 6.13 -6.46 2.72
C ASN A 282 4.86 -5.96 3.44
N GLU A 283 4.74 -6.33 4.70
CA GLU A 283 3.61 -5.87 5.51
C GLU A 283 4.07 -4.77 6.46
N VAL A 284 3.41 -3.61 6.44
CA VAL A 284 3.79 -2.54 7.38
C VAL A 284 2.99 -2.76 8.66
N VAL A 285 3.71 -2.95 9.77
CA VAL A 285 3.11 -3.34 11.03
C VAL A 285 2.85 -2.09 11.86
N THR A 286 1.64 -1.97 12.43
CA THR A 286 1.33 -0.78 13.22
C THR A 286 1.08 -1.07 14.69
N GLU A 287 1.72 -2.14 15.16
CA GLU A 287 1.65 -2.55 16.54
C GLU A 287 2.17 -1.42 17.38
N LYS A 288 1.53 -1.20 18.52
CA LYS A 288 1.97 -0.17 19.44
C LYS A 288 2.20 -0.77 20.84
N PRO A 289 3.20 -0.25 21.58
CA PRO A 289 3.44 -0.68 22.97
C PRO A 289 2.42 0.02 23.86
N LYS A 290 2.32 -0.44 25.10
CA LYS A 290 1.61 0.34 26.08
C LYS A 290 2.24 1.74 26.20
N PRO A 291 1.41 2.75 26.47
CA PRO A 291 1.95 4.11 26.55
C PRO A 291 3.11 4.22 27.53
N TRP A 292 4.10 5.05 27.19
CA TRP A 292 5.28 5.21 28.00
C TRP A 292 5.58 6.69 28.06
N ASP A 293 6.25 7.11 29.12
CA ASP A 293 6.42 8.53 29.27
C ASP A 293 7.86 8.94 29.41
N VAL A 294 8.08 10.23 29.16
CA VAL A 294 9.33 10.85 29.46
C VAL A 294 8.99 12.03 30.33
N TYR A 295 9.49 11.97 31.56
CA TYR A 295 9.40 13.06 32.52
C TYR A 295 10.69 13.85 32.37
N ALA A 296 10.78 14.65 31.31
CA ALA A 296 11.85 15.62 31.13
C ALA A 296 11.59 16.80 32.07
N ALA A 297 12.66 17.42 32.56
CA ALA A 297 12.52 18.55 33.49
C ALA A 297 11.64 19.59 32.84
N ALA A 298 11.88 19.84 31.57
CA ALA A 298 11.18 20.90 30.84
C ALA A 298 9.69 20.54 30.71
N TYR A 299 9.41 19.46 29.98
CA TYR A 299 8.05 19.06 29.61
C TYR A 299 7.79 17.61 29.98
N TYR A 300 6.53 17.28 30.20
CA TYR A 300 6.11 15.89 30.31
C TYR A 300 5.50 15.44 28.99
N TYR A 301 5.87 14.24 28.54
CA TYR A 301 5.25 13.68 27.34
C TYR A 301 5.00 12.18 27.40
N VAL A 302 3.94 11.75 26.73
CA VAL A 302 3.54 10.35 26.68
C VAL A 302 3.56 9.97 25.21
N TYR A 303 4.09 8.78 24.92
CA TYR A 303 4.11 8.27 23.56
C TYR A 303 3.59 6.85 23.58
N ASN A 304 3.26 6.32 22.42
CA ASN A 304 2.84 4.93 22.37
C ASN A 304 3.28 4.26 21.08
N ASP A 305 4.54 4.49 20.72
CA ASP A 305 5.15 3.81 19.57
C ASP A 305 6.55 3.31 19.91
N PHE A 306 7.04 2.33 19.16
CA PHE A 306 8.36 1.77 19.40
C PHE A 306 9.42 2.68 18.86
N SER A 307 9.05 3.46 17.87
CA SER A 307 10.00 4.24 17.05
C SER A 307 9.16 5.19 16.22
N ASP A 308 9.78 6.16 15.58
CA ASP A 308 9.05 7.02 14.66
C ASP A 308 8.80 6.33 13.31
N HIS A 309 9.48 5.20 13.05
CA HIS A 309 9.11 4.37 11.89
C HIS A 309 8.30 3.16 12.35
N TYR A 310 7.48 2.63 11.45
CA TYR A 310 6.79 1.35 11.72
C TYR A 310 7.69 0.29 11.16
N PRO A 311 7.69 -0.90 11.80
CA PRO A 311 8.47 -2.02 11.29
C PRO A 311 7.85 -2.61 10.00
N ILE A 312 8.64 -3.34 9.21
CA ILE A 312 8.12 -4.06 8.03
C ILE A 312 8.28 -5.53 8.40
N LYS A 313 7.29 -6.34 8.09
CA LYS A 313 7.43 -7.79 8.19
C LYS A 313 7.46 -8.29 6.72
N ALA A 314 8.43 -9.12 6.37
CA ALA A 314 8.46 -9.70 5.00
C ALA A 314 8.40 -11.22 5.09
N TYR A 315 7.68 -11.82 4.14
CA TYR A 315 7.45 -13.24 4.11
C TYR A 315 6.74 -13.58 2.80
N SER A 316 6.59 -14.87 2.51
CA SER A 316 5.67 -15.29 1.47
C SER A 316 4.56 -16.06 2.15
N LYS A 317 3.32 -15.84 1.72
CA LYS A 317 2.18 -16.66 2.15
C LYS A 317 2.11 -17.82 1.17
N THR B 28 -13.35 -21.09 -9.46
CA THR B 28 -14.22 -20.07 -8.78
C THR B 28 -13.54 -18.69 -8.67
N ASP B 29 -12.22 -18.67 -8.50
CA ASP B 29 -11.49 -17.43 -8.31
C ASP B 29 -11.56 -16.56 -9.57
N LEU B 30 -11.91 -15.29 -9.38
CA LEU B 30 -12.14 -14.39 -10.50
C LEU B 30 -10.97 -13.41 -10.67
N LYS B 31 -10.87 -12.92 -11.89
CA LYS B 31 -10.04 -11.79 -12.26
C LYS B 31 -11.05 -10.67 -12.48
N LEU B 32 -10.88 -9.55 -11.77
CA LEU B 32 -11.87 -8.49 -11.86
C LEU B 32 -11.14 -7.19 -12.14
N VAL B 33 -11.89 -6.24 -12.66
CA VAL B 33 -11.47 -4.82 -12.67
C VAL B 33 -12.61 -4.05 -12.01
N SER B 34 -12.26 -3.03 -11.22
CA SER B 34 -13.24 -2.05 -10.81
C SER B 34 -12.73 -0.71 -11.32
N HIS B 35 -13.64 0.11 -11.85
CA HIS B 35 -13.20 1.40 -12.32
C HIS B 35 -14.30 2.41 -12.23
N ASN B 36 -14.01 3.47 -11.50
CA ASN B 36 -14.83 4.67 -11.53
C ASN B 36 -14.46 5.45 -12.79
N VAL B 37 -15.41 5.51 -13.74
CA VAL B 37 -15.13 5.96 -15.09
C VAL B 37 -15.47 7.43 -15.33
N TYR B 38 -15.95 8.12 -14.30
CA TYR B 38 -16.12 9.57 -14.39
C TYR B 38 -17.00 9.94 -15.59
N MET B 39 -18.14 9.26 -15.72
CA MET B 39 -19.08 9.56 -16.83
C MET B 39 -20.17 10.47 -16.28
N LEU B 40 -19.79 11.69 -15.94
CA LEU B 40 -20.74 12.64 -15.40
C LEU B 40 -21.76 13.02 -16.47
N SER B 41 -22.91 13.53 -16.05
CA SER B 41 -23.92 14.02 -17.01
C SER B 41 -23.30 14.90 -18.12
N THR B 42 -23.58 14.61 -19.38
CA THR B 42 -23.01 15.45 -20.46
C THR B 42 -23.83 16.71 -20.61
N VAL B 43 -25.01 16.75 -19.97
CA VAL B 43 -25.84 17.93 -19.98
C VAL B 43 -25.20 19.00 -19.08
N LEU B 44 -24.89 18.62 -17.85
CA LEU B 44 -24.24 19.53 -16.90
C LEU B 44 -22.77 19.73 -17.18
N TYR B 45 -22.10 18.64 -17.57
CA TYR B 45 -20.64 18.66 -17.77
C TYR B 45 -20.24 18.16 -19.15
N PRO B 46 -20.51 18.95 -20.22
CA PRO B 46 -20.26 18.48 -21.58
C PRO B 46 -18.79 18.45 -21.96
N ASN B 47 -17.94 19.05 -21.15
CA ASN B 47 -16.56 19.23 -21.58
C ASN B 47 -15.61 18.19 -21.06
N TRP B 48 -16.12 16.97 -20.85
CA TRP B 48 -15.29 15.94 -20.22
C TRP B 48 -14.93 14.69 -21.03
N GLY B 49 -15.17 14.73 -22.33
CA GLY B 49 -14.82 13.65 -23.24
C GLY B 49 -15.43 12.31 -22.86
N GLN B 50 -16.62 12.37 -22.26
CA GLN B 50 -17.33 11.16 -21.83
C GLN B 50 -17.41 10.13 -22.96
N TYR B 51 -17.83 10.55 -24.13
CA TYR B 51 -18.05 9.60 -25.20
C TYR B 51 -16.73 9.13 -25.76
N LYS B 52 -15.77 10.05 -25.90
CA LYS B 52 -14.45 9.63 -26.35
C LYS B 52 -13.86 8.62 -25.37
N ARG B 53 -14.02 8.89 -24.06
CA ARG B 53 -13.44 8.00 -23.06
C ARG B 53 -14.12 6.64 -23.00
N ALA B 54 -15.41 6.62 -23.28
CA ALA B 54 -16.15 5.34 -23.42
C ALA B 54 -15.52 4.45 -24.48
N ASP B 55 -15.17 5.03 -25.64
CA ASP B 55 -14.40 4.31 -26.67
C ASP B 55 -13.02 3.90 -26.22
N LEU B 56 -12.32 4.84 -25.59
CA LEU B 56 -10.95 4.60 -25.14
C LEU B 56 -10.90 3.49 -24.10
N ILE B 57 -11.82 3.52 -23.14
CA ILE B 57 -11.89 2.47 -22.14
C ILE B 57 -12.17 1.11 -22.83
N GLY B 58 -13.15 1.11 -23.71
CA GLY B 58 -13.46 -0.13 -24.47
C GLY B 58 -12.29 -0.72 -25.21
N GLN B 59 -11.37 0.14 -25.65
CA GLN B 59 -10.20 -0.24 -26.47
C GLN B 59 -8.91 -0.48 -25.62
N SER B 60 -9.01 -0.30 -24.30
CA SER B 60 -7.86 -0.35 -23.39
C SER B 60 -7.34 -1.75 -23.16
N SER B 61 -6.10 -1.84 -22.69
CA SER B 61 -5.54 -3.12 -22.27
C SER B 61 -6.14 -3.58 -20.96
N TYR B 62 -6.26 -2.67 -19.98
CA TYR B 62 -6.63 -3.11 -18.64
C TYR B 62 -8.02 -3.73 -18.65
N ILE B 63 -8.88 -3.33 -19.58
CA ILE B 63 -10.27 -3.84 -19.57
C ILE B 63 -10.34 -5.29 -20.04
N LYS B 64 -9.28 -5.73 -20.73
CA LYS B 64 -9.25 -7.07 -21.36
C LYS B 64 -8.85 -8.16 -20.40
N ASN B 65 -9.33 -9.36 -20.70
CA ASN B 65 -8.88 -10.57 -20.03
C ASN B 65 -9.22 -10.67 -18.56
N ASN B 66 -10.31 -10.02 -18.19
CA ASN B 66 -10.89 -10.22 -16.88
C ASN B 66 -12.09 -11.14 -16.99
N ASP B 67 -12.62 -11.54 -15.84
CA ASP B 67 -13.85 -12.31 -15.80
C ASP B 67 -15.04 -11.39 -15.62
N VAL B 68 -14.89 -10.37 -14.76
CA VAL B 68 -15.99 -9.48 -14.37
C VAL B 68 -15.44 -8.06 -14.23
N VAL B 69 -16.23 -7.06 -14.62
CA VAL B 69 -15.83 -5.67 -14.46
C VAL B 69 -16.92 -4.92 -13.76
N ILE B 70 -16.54 -4.13 -12.76
CA ILE B 70 -17.45 -3.27 -12.02
C ILE B 70 -17.17 -1.86 -12.49
N PHE B 71 -18.23 -1.15 -12.89
CA PHE B 71 -18.08 0.27 -13.24
C PHE B 71 -18.77 1.13 -12.20
N ASN B 72 -18.25 2.34 -11.99
CA ASN B 72 -18.86 3.35 -11.09
C ASN B 72 -18.85 4.67 -11.83
N GLU B 73 -19.70 5.60 -11.39
CA GLU B 73 -19.88 6.88 -12.05
C GLU B 73 -20.26 6.77 -13.54
N ALA B 74 -21.00 5.71 -13.83
CA ALA B 74 -21.60 5.49 -15.15
C ALA B 74 -22.91 6.21 -15.12
N PHE B 75 -22.86 7.53 -14.96
CA PHE B 75 -24.07 8.35 -14.78
C PHE B 75 -24.73 8.82 -16.09
N ASP B 76 -23.97 9.41 -16.99
CA ASP B 76 -24.57 9.88 -18.24
C ASP B 76 -25.13 8.69 -19.01
N ASN B 77 -26.44 8.70 -19.30
CA ASN B 77 -27.08 7.55 -19.93
C ASN B 77 -26.46 7.20 -21.27
N GLY B 78 -26.30 8.17 -22.15
CA GLY B 78 -25.75 7.88 -23.49
C GLY B 78 -24.33 7.35 -23.45
N ALA B 79 -23.48 8.03 -22.68
CA ALA B 79 -22.07 7.69 -22.62
C ALA B 79 -21.92 6.36 -21.90
N SER B 80 -22.72 6.16 -20.87
CA SER B 80 -22.63 4.89 -20.13
C SER B 80 -23.11 3.74 -21.00
N ASP B 81 -24.19 3.98 -21.75
CA ASP B 81 -24.70 2.94 -22.67
C ASP B 81 -23.64 2.59 -23.71
N LYS B 82 -22.96 3.61 -24.23
CA LYS B 82 -21.91 3.41 -25.22
C LYS B 82 -20.78 2.56 -24.61
N LEU B 83 -20.40 2.90 -23.38
CA LEU B 83 -19.34 2.16 -22.70
C LEU B 83 -19.75 0.69 -22.57
N LEU B 84 -20.96 0.47 -22.05
CA LEU B 84 -21.47 -0.89 -21.85
C LEU B 84 -21.56 -1.63 -23.18
N SER B 85 -22.04 -0.95 -24.22
CA SER B 85 -22.09 -1.56 -25.56
C SER B 85 -20.67 -1.86 -26.04
N ASN B 86 -19.73 -0.96 -25.80
CA ASN B 86 -18.34 -1.18 -26.22
C ASN B 86 -17.69 -2.41 -25.58
N VAL B 87 -17.95 -2.67 -24.32
CA VAL B 87 -17.30 -3.81 -23.65
C VAL B 87 -18.11 -5.09 -23.79
N LYS B 88 -19.30 -4.97 -24.40
CA LYS B 88 -20.15 -6.16 -24.60
C LYS B 88 -19.50 -7.22 -25.50
N LYS B 89 -18.58 -6.81 -26.37
CA LYS B 89 -17.82 -7.73 -27.25
C LYS B 89 -16.91 -8.65 -26.46
N GLU B 90 -16.65 -8.29 -25.21
CA GLU B 90 -15.87 -9.14 -24.35
C GLU B 90 -16.67 -9.62 -23.14
N TYR B 91 -17.63 -8.82 -22.67
CA TYR B 91 -18.41 -9.10 -21.47
C TYR B 91 -19.90 -9.03 -21.82
N PRO B 92 -20.41 -10.10 -22.44
CA PRO B 92 -21.80 -10.11 -22.94
C PRO B 92 -22.91 -10.09 -21.89
N TYR B 93 -22.63 -10.50 -20.66
CA TYR B 93 -23.62 -10.52 -19.61
C TYR B 93 -23.47 -9.24 -18.83
N GLN B 94 -24.56 -8.46 -18.72
CA GLN B 94 -24.45 -7.12 -18.11
C GLN B 94 -25.69 -6.83 -17.31
N THR B 95 -25.50 -6.13 -16.20
CA THR B 95 -26.62 -5.56 -15.44
C THR B 95 -26.99 -4.22 -16.08
N PRO B 96 -28.21 -3.72 -15.80
CA PRO B 96 -28.51 -2.30 -16.02
C PRO B 96 -27.64 -1.47 -15.09
N VAL B 97 -27.69 -0.15 -15.27
CA VAL B 97 -27.04 0.77 -14.38
C VAL B 97 -27.97 1.02 -13.22
N LEU B 98 -27.43 0.78 -12.03
CA LEU B 98 -28.11 0.93 -10.78
C LEU B 98 -28.88 2.22 -10.78
N GLY B 99 -30.16 2.14 -10.41
CA GLY B 99 -30.95 3.31 -10.09
C GLY B 99 -31.50 4.03 -11.30
N ARG B 100 -31.35 3.46 -12.49
CA ARG B 100 -31.87 4.10 -13.68
C ARG B 100 -33.37 3.85 -13.80
N SER B 101 -33.76 2.61 -13.53
CA SER B 101 -35.17 2.24 -13.49
C SER B 101 -35.31 0.90 -12.79
N GLN B 102 -36.51 0.34 -12.81
CA GLN B 102 -36.76 -0.94 -12.19
C GLN B 102 -36.69 -2.13 -13.17
N SER B 103 -36.69 -1.84 -14.48
CA SER B 103 -36.62 -2.86 -15.51
C SER B 103 -35.26 -3.52 -15.51
N GLY B 104 -35.22 -4.82 -15.76
CA GLY B 104 -33.95 -5.50 -15.97
C GLY B 104 -33.34 -6.07 -14.70
N TRP B 105 -34.05 -5.91 -13.58
CA TRP B 105 -33.54 -6.41 -12.30
C TRP B 105 -34.41 -7.55 -11.77
N ASP B 106 -33.81 -8.51 -11.08
CA ASP B 106 -34.61 -9.51 -10.36
C ASP B 106 -35.31 -8.87 -9.18
N LYS B 107 -34.63 -7.94 -8.50
CA LYS B 107 -35.22 -7.21 -7.40
C LYS B 107 -34.61 -5.84 -7.32
N THR B 108 -35.44 -4.87 -6.96
CA THR B 108 -35.02 -3.55 -6.57
C THR B 108 -35.32 -3.41 -5.09
N GLU B 109 -34.30 -3.00 -4.32
CA GLU B 109 -34.48 -2.75 -2.88
C GLU B 109 -33.81 -1.49 -2.37
N GLY B 110 -33.97 -1.24 -1.07
CA GLY B 110 -33.50 -0.01 -0.44
C GLY B 110 -34.29 1.18 -0.94
N SER B 111 -33.71 2.36 -0.82
CA SER B 111 -34.47 3.58 -1.01
C SER B 111 -34.57 4.08 -2.45
N TYR B 112 -34.94 3.20 -3.37
CA TYR B 112 -35.06 3.58 -4.77
C TYR B 112 -36.03 4.75 -4.96
N SER B 113 -35.52 5.86 -5.52
CA SER B 113 -36.35 7.01 -5.84
C SER B 113 -36.52 7.17 -7.35
N SER B 114 -37.78 7.29 -7.79
CA SER B 114 -38.09 7.50 -9.19
C SER B 114 -37.86 8.95 -9.61
N THR B 115 -37.49 9.81 -8.67
CA THR B 115 -37.48 11.26 -8.92
C THR B 115 -36.14 11.97 -8.80
N VAL B 116 -35.08 11.25 -8.41
CA VAL B 116 -33.73 11.84 -8.25
C VAL B 116 -33.12 12.22 -9.60
N ALA B 117 -32.20 13.18 -9.60
CA ALA B 117 -31.64 13.65 -10.85
C ALA B 117 -30.72 12.62 -11.50
N GLU B 118 -30.04 11.84 -10.67
CA GLU B 118 -29.05 10.91 -11.16
C GLU B 118 -29.29 9.46 -10.77
N ASP B 119 -28.94 8.54 -11.64
CA ASP B 119 -28.94 7.15 -11.20
C ASP B 119 -27.73 6.89 -10.29
N GLY B 120 -27.52 5.62 -9.90
CA GLY B 120 -26.46 5.27 -8.94
C GLY B 120 -25.09 5.04 -9.62
N GLY B 121 -25.10 4.97 -10.94
CA GLY B 121 -23.84 4.93 -11.71
C GLY B 121 -23.03 3.65 -11.66
N VAL B 122 -23.58 2.61 -11.02
CA VAL B 122 -22.89 1.32 -10.91
C VAL B 122 -23.43 0.27 -11.90
N ALA B 123 -22.53 -0.44 -12.59
CA ALA B 123 -22.94 -1.58 -13.39
C ALA B 123 -21.88 -2.67 -13.30
N ILE B 124 -22.33 -3.90 -13.47
CA ILE B 124 -21.40 -5.04 -13.52
C ILE B 124 -21.53 -5.75 -14.88
N VAL B 125 -20.42 -6.11 -15.50
CA VAL B 125 -20.42 -6.88 -16.74
C VAL B 125 -19.56 -8.12 -16.52
N SER B 126 -19.87 -9.18 -17.26
CA SER B 126 -19.24 -10.44 -16.98
C SER B 126 -19.18 -11.25 -18.26
N LYS B 127 -18.12 -12.03 -18.39
CA LYS B 127 -18.03 -12.97 -19.50
C LYS B 127 -18.66 -14.31 -19.12
N TYR B 128 -19.05 -14.46 -17.85
CA TYR B 128 -19.80 -15.64 -17.39
C TYR B 128 -21.22 -15.29 -17.08
N PRO B 129 -22.15 -16.26 -17.27
CA PRO B 129 -23.57 -16.07 -17.06
C PRO B 129 -23.91 -15.44 -15.71
N ILE B 130 -24.74 -14.39 -15.73
CA ILE B 130 -25.27 -13.77 -14.52
C ILE B 130 -26.63 -14.39 -14.19
N LYS B 131 -26.69 -15.13 -13.09
CA LYS B 131 -27.92 -15.88 -12.72
C LYS B 131 -28.92 -15.05 -11.95
N GLU B 132 -28.45 -13.96 -11.34
CA GLU B 132 -29.32 -13.12 -10.55
C GLU B 132 -28.71 -11.73 -10.49
N LYS B 133 -29.54 -10.71 -10.64
CA LYS B 133 -29.09 -9.34 -10.48
C LYS B 133 -30.02 -8.53 -9.60
N ILE B 134 -29.45 -7.94 -8.54
CA ILE B 134 -30.26 -7.14 -7.61
C ILE B 134 -29.66 -5.75 -7.45
N GLN B 135 -30.49 -4.72 -7.50
CA GLN B 135 -30.03 -3.40 -7.12
C GLN B 135 -30.56 -2.95 -5.76
N HIS B 136 -29.72 -2.25 -5.02
CA HIS B 136 -30.07 -1.76 -3.69
C HIS B 136 -29.62 -0.32 -3.53
N VAL B 137 -30.58 0.57 -3.32
CA VAL B 137 -30.28 1.98 -3.24
C VAL B 137 -30.11 2.36 -1.76
N PHE B 138 -29.00 3.04 -1.44
CA PHE B 138 -28.67 3.46 -0.08
C PHE B 138 -29.72 4.38 0.50
N LYS B 139 -29.98 4.21 1.79
CA LYS B 139 -30.92 5.05 2.55
C LYS B 139 -30.48 6.51 2.63
N SER B 140 -29.17 6.74 2.80
CA SER B 140 -28.64 8.08 3.05
C SER B 140 -27.64 8.54 1.99
N GLY B 141 -27.52 9.86 1.86
CA GLY B 141 -26.57 10.49 0.96
C GLY B 141 -26.55 11.97 1.28
N CYS B 142 -25.38 12.60 1.19
CA CYS B 142 -25.31 14.04 1.47
C CYS B 142 -24.70 14.77 0.30
N GLY B 143 -24.88 16.09 0.30
CA GLY B 143 -24.38 16.93 -0.78
C GLY B 143 -24.99 16.51 -2.09
N PHE B 144 -24.17 16.47 -3.13
CA PHE B 144 -24.66 16.13 -4.45
C PHE B 144 -25.15 14.68 -4.59
N ASP B 145 -24.62 13.79 -3.76
CA ASP B 145 -25.03 12.38 -3.73
C ASP B 145 -26.47 12.17 -3.25
N ASN B 146 -26.98 13.10 -2.44
CA ASN B 146 -28.37 13.08 -1.97
C ASN B 146 -29.37 12.97 -3.16
N ASP B 147 -29.01 13.59 -4.27
CA ASP B 147 -29.84 13.64 -5.49
C ASP B 147 -29.50 12.53 -6.52
N SER B 148 -29.38 11.31 -6.03
CA SER B 148 -28.89 10.20 -6.82
C SER B 148 -29.47 8.93 -6.26
N ASN B 149 -29.47 7.85 -7.04
CA ASN B 149 -29.80 6.53 -6.53
C ASN B 149 -28.54 5.72 -6.19
N LYS B 150 -27.56 6.37 -5.59
CA LYS B 150 -26.34 5.62 -5.19
C LYS B 150 -26.66 4.40 -4.29
N GLY B 151 -25.86 3.35 -4.42
CA GLY B 151 -26.19 2.09 -3.74
C GLY B 151 -25.24 1.01 -4.22
N PHE B 152 -25.71 -0.23 -4.33
CA PHE B 152 -24.89 -1.33 -4.80
C PHE B 152 -25.66 -2.24 -5.73
N VAL B 153 -24.90 -2.99 -6.52
CA VAL B 153 -25.43 -3.96 -7.45
C VAL B 153 -24.89 -5.31 -7.03
N TYR B 154 -25.78 -6.30 -6.88
CA TYR B 154 -25.40 -7.66 -6.54
C TYR B 154 -25.62 -8.55 -7.77
N THR B 155 -24.62 -9.36 -8.10
CA THR B 155 -24.75 -10.38 -9.12
C THR B 155 -24.35 -11.74 -8.57
N LYS B 156 -25.10 -12.75 -8.96
CA LYS B 156 -24.70 -14.13 -8.79
C LYS B 156 -24.30 -14.62 -10.17
N ILE B 157 -23.11 -15.22 -10.26
CA ILE B 157 -22.50 -15.60 -11.51
C ILE B 157 -22.09 -17.07 -11.52
N GLU B 158 -22.42 -17.79 -12.58
CA GLU B 158 -22.00 -19.16 -12.63
C GLU B 158 -20.72 -19.35 -13.41
N LYS B 159 -19.70 -19.89 -12.76
CA LYS B 159 -18.41 -20.18 -13.41
C LYS B 159 -17.94 -21.61 -13.08
N ASN B 160 -17.41 -22.31 -14.09
CA ASN B 160 -16.94 -23.70 -13.93
C ASN B 160 -17.93 -24.56 -13.15
N GLY B 161 -19.23 -24.31 -13.37
CA GLY B 161 -20.32 -25.07 -12.71
C GLY B 161 -20.59 -24.72 -11.26
N LYS B 162 -19.98 -23.64 -10.78
CA LYS B 162 -20.12 -23.20 -9.39
C LYS B 162 -20.57 -21.74 -9.36
N ASN B 163 -21.26 -21.34 -8.29
CA ASN B 163 -21.68 -19.94 -8.15
C ASN B 163 -20.63 -19.08 -7.47
N VAL B 164 -20.50 -17.86 -7.95
CA VAL B 164 -19.65 -16.85 -7.29
C VAL B 164 -20.45 -15.55 -7.28
N HIS B 165 -20.15 -14.66 -6.36
CA HIS B 165 -20.99 -13.53 -6.10
C HIS B 165 -20.15 -12.27 -6.19
N VAL B 166 -20.70 -11.23 -6.81
CA VAL B 166 -19.95 -9.97 -6.95
C VAL B 166 -20.89 -8.82 -6.65
N ILE B 167 -20.50 -8.01 -5.69
CA ILE B 167 -21.23 -6.83 -5.35
C ILE B 167 -20.37 -5.67 -5.80
N GLY B 168 -20.98 -4.74 -6.51
CA GLY B 168 -20.27 -3.57 -6.97
C GLY B 168 -20.94 -2.38 -6.33
N THR B 169 -20.14 -1.40 -5.90
CA THR B 169 -20.72 -0.25 -5.24
C THR B 169 -19.90 1.02 -5.46
N HIS B 170 -20.49 2.14 -5.05
CA HIS B 170 -19.85 3.44 -5.04
C HIS B 170 -20.50 4.16 -3.90
N THR B 171 -19.73 4.49 -2.86
CA THR B 171 -20.31 4.98 -1.61
C THR B 171 -20.19 6.49 -1.62
N GLN B 172 -20.78 7.12 -0.61
CA GLN B 172 -20.75 8.57 -0.42
C GLN B 172 -19.38 9.25 -0.59
N SER B 173 -19.32 10.26 -1.46
CA SER B 173 -18.11 11.03 -1.72
C SER B 173 -17.80 12.02 -0.60
N GLU B 174 -16.51 12.27 -0.35
CA GLU B 174 -16.10 13.43 0.43
C GLU B 174 -16.71 14.58 -0.34
N ASP B 175 -17.53 15.38 0.32
CA ASP B 175 -18.27 16.46 -0.35
C ASP B 175 -18.40 17.69 0.55
N SER B 176 -18.01 18.85 0.04
CA SER B 176 -17.96 20.08 0.84
C SER B 176 -19.36 20.59 1.17
N ARG B 177 -20.35 20.05 0.46
CA ARG B 177 -21.76 20.31 0.75
C ARG B 177 -22.37 19.30 1.71
N CYS B 178 -21.56 18.38 2.21
CA CYS B 178 -21.95 17.53 3.32
C CYS B 178 -21.53 18.25 4.59
N GLY B 179 -22.29 18.03 5.67
CA GLY B 179 -21.92 18.59 6.97
C GLY B 179 -20.59 17.98 7.43
N ALA B 180 -19.93 18.64 8.37
CA ALA B 180 -18.68 18.12 8.91
C ALA B 180 -18.92 16.72 9.49
N GLY B 181 -18.11 15.75 9.06
CA GLY B 181 -18.23 14.37 9.52
C GLY B 181 -19.42 13.58 9.01
N HIS B 182 -20.28 14.19 8.19
CA HIS B 182 -21.49 13.50 7.75
C HIS B 182 -21.19 12.42 6.69
N ASP B 183 -20.25 12.69 5.80
CA ASP B 183 -19.92 11.73 4.74
C ASP B 183 -19.37 10.42 5.32
N ARG B 184 -18.58 10.51 6.40
CA ARG B 184 -18.08 9.32 7.07
C ARG B 184 -19.19 8.54 7.74
N LYS B 185 -20.09 9.25 8.41
CA LYS B 185 -21.20 8.58 9.08
C LYS B 185 -22.08 7.91 8.02
N ILE B 186 -22.28 8.61 6.90
CA ILE B 186 -23.08 8.03 5.82
C ILE B 186 -22.39 6.80 5.23
N ARG B 187 -21.08 6.89 4.98
CA ARG B 187 -20.37 5.68 4.47
C ARG B 187 -20.53 4.47 5.38
N ALA B 188 -20.47 4.69 6.69
CA ALA B 188 -20.61 3.58 7.63
C ALA B 188 -21.98 2.93 7.49
N GLU B 189 -23.02 3.75 7.42
CA GLU B 189 -24.37 3.22 7.22
C GLU B 189 -24.49 2.42 5.90
N GLN B 190 -23.98 3.01 4.82
CA GLN B 190 -24.02 2.41 3.49
C GLN B 190 -23.31 1.07 3.52
N MET B 191 -22.13 1.05 4.13
CA MET B 191 -21.39 -0.18 4.17
C MET B 191 -22.08 -1.23 5.01
N LYS B 192 -22.70 -0.81 6.11
CA LYS B 192 -23.61 -1.70 6.86
C LYS B 192 -24.78 -2.22 6.00
N GLU B 193 -25.30 -1.43 5.07
CA GLU B 193 -26.39 -1.96 4.23
C GLU B 193 -25.87 -3.11 3.38
N ILE B 194 -24.62 -2.98 2.94
CA ILE B 194 -24.03 -4.04 2.14
C ILE B 194 -23.79 -5.30 2.96
N SER B 195 -23.19 -5.16 4.14
CA SER B 195 -22.91 -6.34 4.95
C SER B 195 -24.21 -6.97 5.45
N ASP B 196 -25.17 -6.12 5.83
CA ASP B 196 -26.52 -6.63 6.18
C ASP B 196 -27.14 -7.43 5.02
N PHE B 197 -27.11 -6.87 3.81
CA PHE B 197 -27.57 -7.58 2.62
C PHE B 197 -26.92 -8.95 2.45
N VAL B 198 -25.58 -9.01 2.58
CA VAL B 198 -24.88 -10.26 2.34
C VAL B 198 -25.31 -11.30 3.37
N LYS B 199 -25.36 -10.84 4.62
CA LYS B 199 -25.81 -11.64 5.76
C LYS B 199 -27.21 -12.21 5.49
N LYS B 200 -28.18 -11.34 5.27
CA LYS B 200 -29.55 -11.81 5.06
C LYS B 200 -29.76 -12.61 3.76
N LYS B 201 -28.91 -12.40 2.76
CA LYS B 201 -29.02 -13.20 1.53
C LYS B 201 -28.62 -14.66 1.77
N ASN B 202 -27.99 -14.90 2.92
CA ASN B 202 -27.64 -16.25 3.36
C ASN B 202 -26.99 -17.09 2.28
N ILE B 203 -25.89 -16.58 1.73
CA ILE B 203 -25.10 -17.26 0.70
C ILE B 203 -24.24 -18.33 1.36
N PRO B 204 -24.13 -19.53 0.74
CA PRO B 204 -23.27 -20.60 1.25
C PRO B 204 -21.85 -20.12 1.56
N LYS B 205 -21.36 -20.44 2.75
CA LYS B 205 -19.99 -20.07 3.17
C LYS B 205 -18.90 -20.58 2.23
N ASP B 206 -19.15 -21.63 1.46
CA ASP B 206 -18.13 -22.12 0.53
C ASP B 206 -18.16 -21.42 -0.84
N GLU B 207 -18.93 -20.33 -0.98
CA GLU B 207 -18.92 -19.55 -2.23
C GLU B 207 -18.29 -18.21 -1.93
N THR B 208 -17.50 -17.67 -2.86
CA THR B 208 -16.84 -16.39 -2.62
C THR B 208 -17.78 -15.20 -2.91
N VAL B 209 -17.74 -14.19 -2.05
CA VAL B 209 -18.50 -12.96 -2.28
C VAL B 209 -17.51 -11.78 -2.38
N TYR B 210 -17.28 -11.33 -3.61
CA TYR B 210 -16.49 -10.13 -3.88
C TYR B 210 -17.33 -8.90 -3.61
N ILE B 211 -16.70 -7.89 -2.99
CA ILE B 211 -17.33 -6.61 -2.75
C ILE B 211 -16.33 -5.55 -3.23
N GLY B 212 -16.73 -4.78 -4.23
CA GLY B 212 -15.73 -3.92 -4.88
C GLY B 212 -16.30 -2.60 -5.31
N GLY B 213 -15.44 -1.59 -5.41
CA GLY B 213 -15.91 -0.34 -5.97
C GLY B 213 -15.13 0.81 -5.43
N ASP B 214 -15.66 2.00 -5.64
CA ASP B 214 -15.05 3.21 -5.14
C ASP B 214 -15.69 3.43 -3.78
N LEU B 215 -14.94 3.08 -2.73
CA LEU B 215 -15.50 2.97 -1.37
C LEU B 215 -15.24 4.27 -0.61
N ASN B 216 -14.44 5.14 -1.21
CA ASN B 216 -14.29 6.53 -0.73
C ASN B 216 -13.75 6.61 0.68
N VAL B 217 -12.94 5.61 1.03
CA VAL B 217 -12.22 5.62 2.30
C VAL B 217 -10.76 5.42 1.97
N ASN B 218 -9.94 6.34 2.43
CA ASN B 218 -8.55 6.35 2.10
C ASN B 218 -7.81 5.37 2.96
N LYS B 219 -6.87 4.70 2.35
CA LYS B 219 -6.05 3.74 3.06
C LYS B 219 -5.33 4.44 4.22
N GLY B 220 -5.02 3.68 5.27
CA GLY B 220 -4.18 4.17 6.37
C GLY B 220 -4.83 5.19 7.29
N THR B 221 -6.15 5.39 7.14
CA THR B 221 -6.92 6.34 7.96
C THR B 221 -7.65 5.57 9.03
N PRO B 222 -8.12 6.27 10.11
CA PRO B 222 -8.97 5.62 11.09
C PRO B 222 -10.23 5.02 10.48
N GLU B 223 -10.81 5.74 9.52
CA GLU B 223 -12.01 5.24 8.86
C GLU B 223 -11.80 3.93 8.11
N PHE B 224 -10.57 3.70 7.65
CA PHE B 224 -10.25 2.48 6.93
C PHE B 224 -10.55 1.26 7.80
N LYS B 225 -10.16 1.33 9.07
CA LYS B 225 -10.46 0.22 9.99
C LYS B 225 -11.97 0.01 10.18
N ASP B 226 -12.73 1.09 10.24
CA ASP B 226 -14.18 1.03 10.28
C ASP B 226 -14.73 0.37 9.03
N MET B 227 -14.14 0.67 7.88
CA MET B 227 -14.59 0.04 6.63
C MET B 227 -14.45 -1.48 6.68
N LEU B 228 -13.33 -1.97 7.15
CA LEU B 228 -13.11 -3.40 7.18
C LEU B 228 -14.17 -4.09 8.02
N LYS B 229 -14.53 -3.50 9.15
CA LYS B 229 -15.56 -4.09 9.99
C LYS B 229 -16.96 -3.88 9.43
N ASN B 230 -17.26 -2.67 8.98
CA ASN B 230 -18.61 -2.34 8.48
C ASN B 230 -18.95 -3.11 7.22
N LEU B 231 -17.95 -3.31 6.36
CA LEU B 231 -18.16 -4.10 5.15
C LEU B 231 -18.04 -5.60 5.39
N ASN B 232 -17.40 -5.98 6.49
CA ASN B 232 -17.15 -7.38 6.81
C ASN B 232 -16.14 -8.06 5.89
N VAL B 233 -14.98 -7.43 5.72
CA VAL B 233 -13.96 -7.89 4.79
C VAL B 233 -12.61 -7.89 5.48
N ASN B 234 -11.69 -8.74 5.03
CA ASN B 234 -10.28 -8.62 5.39
C ASN B 234 -9.62 -7.70 4.39
N ASP B 235 -8.51 -7.10 4.78
CA ASP B 235 -7.72 -6.27 3.85
C ASP B 235 -7.00 -7.23 2.89
N VAL B 236 -6.41 -6.69 1.82
CA VAL B 236 -5.84 -7.51 0.77
C VAL B 236 -4.36 -7.16 0.62
N LEU B 237 -3.71 -7.80 -0.34
CA LEU B 237 -2.37 -7.46 -0.78
C LEU B 237 -2.48 -6.45 -1.89
N TYR B 238 -1.47 -5.58 -2.01
CA TYR B 238 -1.50 -4.47 -2.96
C TYR B 238 -0.32 -4.52 -3.91
N ALA B 239 -0.57 -4.11 -5.16
CA ALA B 239 0.47 -4.00 -6.19
C ALA B 239 0.27 -2.73 -6.98
N GLY B 240 1.29 -2.33 -7.72
CA GLY B 240 1.18 -1.19 -8.61
C GLY B 240 1.19 0.12 -7.85
N HIS B 241 0.54 1.12 -8.42
CA HIS B 241 0.62 2.47 -7.90
C HIS B 241 -0.03 2.61 -6.54
N ASN B 242 0.45 3.59 -5.76
CA ASN B 242 -0.02 3.76 -4.38
C ASN B 242 -1.19 4.71 -4.17
N SER B 243 -1.87 5.12 -5.24
CA SER B 243 -3.11 5.87 -5.09
C SER B 243 -4.00 5.61 -6.27
N THR B 244 -5.31 5.75 -6.07
CA THR B 244 -6.25 5.50 -7.15
C THR B 244 -6.90 6.79 -7.60
N TRP B 245 -6.83 7.83 -6.77
CA TRP B 245 -7.24 9.16 -7.23
C TRP B 245 -6.07 10.06 -6.93
N ASP B 246 -5.39 10.49 -7.98
CA ASP B 246 -4.04 11.02 -7.90
C ASP B 246 -3.86 12.31 -8.70
N PRO B 247 -4.11 13.45 -8.07
CA PRO B 247 -3.84 14.74 -8.72
C PRO B 247 -2.38 14.97 -9.12
N GLN B 248 -1.45 14.19 -8.57
CA GLN B 248 -0.04 14.36 -8.90
C GLN B 248 0.32 13.70 -10.24
N SER B 249 -0.43 12.67 -10.67
CA SER B 249 -0.07 11.91 -11.86
C SER B 249 -1.20 11.76 -12.90
N ASN B 250 -2.42 12.05 -12.47
CA ASN B 250 -3.60 11.87 -13.32
C ASN B 250 -4.06 13.20 -13.87
N SER B 251 -4.16 13.28 -15.19
CA SER B 251 -4.38 14.57 -15.88
C SER B 251 -5.75 15.21 -15.60
N ILE B 252 -6.78 14.36 -15.40
CA ILE B 252 -8.10 14.86 -15.08
C ILE B 252 -8.18 15.33 -13.61
N ALA B 253 -7.72 14.51 -12.68
CA ALA B 253 -7.67 14.88 -11.26
C ALA B 253 -6.83 16.14 -11.06
N LYS B 254 -5.69 16.23 -11.77
CA LYS B 254 -4.77 17.38 -11.70
C LYS B 254 -5.49 18.65 -12.14
N TYR B 255 -6.20 18.57 -13.25
CA TYR B 255 -6.93 19.69 -13.81
C TYR B 255 -8.00 20.22 -12.82
N ASN B 256 -8.74 19.31 -12.21
CA ASN B 256 -9.81 19.66 -11.27
C ASN B 256 -9.37 20.02 -9.85
N TYR B 257 -8.32 19.37 -9.36
CA TYR B 257 -7.84 19.58 -8.00
C TYR B 257 -6.31 19.61 -8.02
N PRO B 258 -5.75 20.65 -8.57
CA PRO B 258 -4.31 20.76 -8.69
C PRO B 258 -3.68 20.60 -7.34
N ASN B 259 -4.39 20.98 -6.32
CA ASN B 259 -3.76 20.89 -5.04
C ASN B 259 -4.11 19.67 -4.17
N GLY B 260 -4.83 18.74 -4.74
CA GLY B 260 -5.38 17.66 -3.98
C GLY B 260 -4.34 16.66 -3.56
N LYS B 261 -4.60 16.00 -2.49
CA LYS B 261 -3.69 14.96 -2.07
C LYS B 261 -4.13 13.61 -2.65
N PRO B 262 -3.16 12.81 -3.13
CA PRO B 262 -3.54 11.52 -3.69
C PRO B 262 -4.14 10.64 -2.61
N GLU B 263 -5.14 9.83 -2.97
CA GLU B 263 -5.75 8.93 -2.00
C GLU B 263 -5.97 7.60 -2.71
N HIS B 264 -6.24 6.57 -1.91
CA HIS B 264 -6.42 5.22 -2.41
C HIS B 264 -7.84 4.89 -1.98
N LEU B 265 -8.78 4.95 -2.92
CA LEU B 265 -10.23 4.92 -2.60
C LEU B 265 -10.99 3.74 -3.21
N ASP B 266 -10.35 3.05 -4.14
CA ASP B 266 -11.00 2.01 -4.90
C ASP B 266 -10.41 0.67 -4.47
N TYR B 267 -11.29 -0.30 -4.24
CA TYR B 267 -10.84 -1.58 -3.70
C TYR B 267 -11.68 -2.71 -4.21
N ILE B 268 -11.12 -3.91 -4.22
CA ILE B 268 -11.96 -5.10 -4.33
C ILE B 268 -11.58 -6.04 -3.21
N PHE B 269 -12.59 -6.33 -2.37
CA PHE B 269 -12.45 -7.18 -1.18
C PHE B 269 -13.34 -8.40 -1.35
N THR B 270 -13.27 -9.29 -0.37
CA THR B 270 -14.27 -10.35 -0.26
C THR B 270 -14.84 -10.38 1.14
N ASP B 271 -16.10 -10.81 1.26
CA ASP B 271 -16.74 -10.97 2.57
C ASP B 271 -15.93 -11.99 3.36
N LYS B 272 -15.61 -11.67 4.61
CA LYS B 272 -14.60 -12.47 5.33
C LYS B 272 -15.18 -13.77 5.93
N ASP B 273 -16.50 -13.92 5.87
CA ASP B 273 -17.17 -15.11 6.39
C ASP B 273 -17.49 -16.12 5.29
N HIS B 274 -17.21 -15.73 4.05
CA HIS B 274 -17.34 -16.62 2.91
C HIS B 274 -15.99 -16.99 2.34
N LYS B 275 -15.99 -17.93 1.39
CA LYS B 275 -14.74 -18.53 0.92
C LYS B 275 -13.74 -17.49 0.46
N GLN B 276 -12.51 -17.56 0.94
CA GLN B 276 -11.48 -16.61 0.53
C GLN B 276 -10.78 -17.10 -0.72
N PRO B 277 -10.53 -16.19 -1.69
CA PRO B 277 -9.71 -16.60 -2.83
C PRO B 277 -8.30 -16.81 -2.29
N LYS B 278 -7.40 -17.37 -3.09
CA LYS B 278 -6.13 -17.78 -2.55
C LYS B 278 -5.29 -16.74 -1.85
N GLN B 279 -4.89 -15.69 -2.52
CA GLN B 279 -4.34 -14.51 -1.88
C GLN B 279 -4.83 -13.42 -2.79
N LEU B 280 -5.87 -12.71 -2.38
CA LEU B 280 -6.39 -11.65 -3.24
C LEU B 280 -5.47 -10.45 -3.26
N VAL B 281 -5.19 -9.94 -4.46
CA VAL B 281 -4.35 -8.77 -4.74
C VAL B 281 -5.23 -7.71 -5.36
N ASN B 282 -4.99 -6.45 -4.97
CA ASN B 282 -5.50 -5.32 -5.74
C ASN B 282 -4.31 -4.63 -6.36
N GLU B 283 -4.32 -4.55 -7.68
CA GLU B 283 -3.27 -3.86 -8.39
C GLU B 283 -3.82 -2.57 -8.98
N VAL B 284 -3.24 -1.44 -8.59
CA VAL B 284 -3.65 -0.16 -9.18
C VAL B 284 -2.97 0.01 -10.55
N VAL B 285 -3.79 0.22 -11.58
CA VAL B 285 -3.33 0.29 -12.96
C VAL B 285 -3.26 1.73 -13.43
N THR B 286 -2.12 2.10 -14.00
CA THR B 286 -1.92 3.48 -14.41
C THR B 286 -1.71 3.60 -15.91
N GLU B 287 -2.31 2.68 -16.68
CA GLU B 287 -2.35 2.74 -18.12
C GLU B 287 -2.97 4.06 -18.52
N LYS B 288 -2.42 4.68 -19.57
CA LYS B 288 -2.97 5.89 -20.15
C LYS B 288 -3.35 5.68 -21.63
N PRO B 289 -4.49 6.25 -22.06
CA PRO B 289 -4.85 6.20 -23.48
C PRO B 289 -3.94 7.17 -24.23
N LYS B 290 -3.92 7.05 -25.56
CA LYS B 290 -3.39 8.14 -26.38
C LYS B 290 -4.15 9.40 -25.97
N PRO B 291 -3.47 10.57 -25.95
CA PRO B 291 -4.16 11.78 -25.56
C PRO B 291 -5.42 12.06 -26.35
N TRP B 292 -6.37 12.71 -25.69
CA TRP B 292 -7.64 13.05 -26.28
C TRP B 292 -7.96 14.50 -25.92
N ASP B 293 -8.76 15.15 -26.75
CA ASP B 293 -8.98 16.58 -26.58
C ASP B 293 -10.45 16.94 -26.41
N VAL B 294 -10.70 18.17 -26.00
CA VAL B 294 -12.05 18.69 -25.94
C VAL B 294 -11.99 20.16 -26.33
N TYR B 295 -12.96 20.58 -27.12
CA TYR B 295 -13.20 22.00 -27.33
C TYR B 295 -14.33 22.35 -26.40
N ALA B 296 -14.01 23.10 -25.35
CA ALA B 296 -15.04 23.73 -24.52
C ALA B 296 -15.43 25.09 -25.14
N ALA B 297 -16.44 25.74 -24.56
CA ALA B 297 -16.81 27.11 -24.94
C ALA B 297 -15.60 28.01 -25.08
N ALA B 298 -14.79 28.08 -24.02
CA ALA B 298 -13.74 29.11 -23.90
C ALA B 298 -12.31 28.62 -24.05
N TYR B 299 -12.13 27.32 -24.30
CA TYR B 299 -10.78 26.73 -24.35
C TYR B 299 -10.79 25.39 -25.08
N TYR B 300 -9.59 24.96 -25.46
CA TYR B 300 -9.33 23.65 -26.03
C TYR B 300 -8.31 23.02 -25.08
N TYR B 301 -8.52 21.76 -24.70
CA TYR B 301 -7.61 21.12 -23.74
C TYR B 301 -7.31 19.68 -24.11
N VAL B 302 -6.14 19.19 -23.69
CA VAL B 302 -5.73 17.81 -23.99
C VAL B 302 -5.47 17.06 -22.70
N TYR B 303 -6.04 15.85 -22.58
CA TYR B 303 -5.81 14.99 -21.41
C TYR B 303 -5.35 13.64 -21.87
N ASN B 304 -4.94 12.77 -20.94
CA ASN B 304 -4.48 11.47 -21.34
C ASN B 304 -4.78 10.44 -20.26
N ASP B 305 -5.96 10.55 -19.67
CA ASP B 305 -6.45 9.51 -18.77
C ASP B 305 -7.86 9.07 -19.14
N PHE B 306 -8.20 7.86 -18.73
CA PHE B 306 -9.53 7.31 -18.98
C PHE B 306 -10.59 7.90 -18.08
N SER B 307 -10.12 8.36 -16.92
CA SER B 307 -10.97 8.82 -15.82
C SER B 307 -10.06 9.55 -14.85
N ASP B 308 -10.65 10.24 -13.88
CA ASP B 308 -9.83 10.83 -12.83
C ASP B 308 -9.43 9.80 -11.77
N HIS B 309 -10.09 8.63 -11.75
CA HIS B 309 -9.62 7.51 -10.94
C HIS B 309 -8.85 6.54 -11.84
N TYR B 310 -7.87 5.85 -11.25
CA TYR B 310 -7.16 4.78 -11.93
C TYR B 310 -7.99 3.54 -11.68
N PRO B 311 -8.00 2.62 -12.63
CA PRO B 311 -8.70 1.38 -12.37
C PRO B 311 -7.89 0.42 -11.47
N ILE B 312 -8.58 -0.53 -10.87
CA ILE B 312 -7.88 -1.56 -10.12
C ILE B 312 -8.18 -2.93 -10.72
N LYS B 313 -7.15 -3.76 -10.76
CA LYS B 313 -7.31 -5.15 -11.17
C LYS B 313 -7.26 -5.91 -9.89
N ALA B 314 -8.11 -6.93 -9.76
CA ALA B 314 -7.98 -7.82 -8.66
C ALA B 314 -7.83 -9.23 -9.19
N TYR B 315 -7.00 -9.99 -8.52
CA TYR B 315 -6.72 -11.37 -8.97
C TYR B 315 -6.09 -12.09 -7.82
N SER B 316 -6.04 -13.41 -7.90
CA SER B 316 -5.40 -14.22 -6.87
C SER B 316 -3.99 -14.59 -7.32
N LYS B 317 -3.03 -14.50 -6.39
CA LYS B 317 -1.64 -14.78 -6.72
C LYS B 317 -1.14 -15.95 -5.90
MG MG C . 15.30 8.54 11.61
P PO4 D . 15.10 8.26 8.34
O1 PO4 D . 15.35 9.75 8.16
O2 PO4 D . 14.65 7.98 9.76
O3 PO4 D . 14.02 7.80 7.37
O4 PO4 D . 16.36 7.54 7.98
MG MG E . -15.66 11.22 -8.84
P PO4 F . -15.27 9.99 -5.82
O1 PO4 F . -14.00 9.52 -5.08
O2 PO4 F . -15.74 11.34 -5.29
O3 PO4 F . -14.95 10.19 -7.29
O4 PO4 F . -16.31 8.94 -5.61
#